data_6IWK
#
_entry.id   6IWK
#
_cell.length_a   46.193
_cell.length_b   64.768
_cell.length_c   168.736
_cell.angle_alpha   90.00
_cell.angle_beta   90.00
_cell.angle_gamma   90.00
#
_symmetry.space_group_name_H-M   'P 21 21 21'
#
loop_
_entity.id
_entity.type
_entity.pdbx_description
1 polymer 'Glucan 1,4-alpha-maltotetraohydrolase'
2 non-polymer GLYCEROL
3 non-polymer 'CALCIUM ION'
4 water water
#
_entity_poly.entity_id   1
_entity_poly.type   'polypeptide(L)'
_entity_poly.pdbx_seq_one_letter_code
;DQAGKSPAGVRYHGGDEIILQGFHWNVVREAPNDWYNILRQQASTIAADGFSAIWMPVPWRDFSSWSDGGKSGGGEGYFW
HDFNKNGRYGSDAQLRQAAGALGGAGVKVLYDVVPNHMNRGYPDKEINLPAGQGFWRNDCADPGNYPNDCDDGDRFIGGE
SDLNTGHPQIYGMFRDELANLRSGYGAGGFRFDFVRGYAPERVDSWMSDSADSSFCVGELWKGPSEYPSWDWRNTASWQQ
IIKDWSDRAKCPVFDFALKERMQNGSVADWKHGLNGNPDPRWREVAVTFVDNHDTGYSPGQNGGQHHWALQDGLIRQAYA
YILTSPGTPVVYWSHMYDWGYGDFIRQLIQVRRTAGVRADSAISFHSGYSGLVATVSGSQQTLVVALNSDLANPGQVASG
SFSEAVNASNGQVRVWRS
;
_entity_poly.pdbx_strand_id   A
#
loop_
_chem_comp.id
_chem_comp.type
_chem_comp.name
_chem_comp.formula
CA non-polymer 'CALCIUM ION' 'Ca 2'
GOL non-polymer GLYCEROL 'C3 H8 O3'
#
# COMPACT_ATOMS: atom_id res chain seq x y z
N ASP A 1 4.67 -18.49 -7.40
CA ASP A 1 3.80 -17.32 -7.44
C ASP A 1 2.74 -17.45 -8.53
N GLN A 2 1.49 -17.32 -8.14
CA GLN A 2 0.37 -17.40 -9.08
C GLN A 2 0.00 -16.01 -9.57
N ALA A 3 -0.29 -15.91 -10.87
CA ALA A 3 -0.78 -14.67 -11.45
C ALA A 3 -2.30 -14.74 -11.57
N GLY A 4 -2.90 -13.67 -12.07
CA GLY A 4 -4.30 -13.70 -12.39
C GLY A 4 -5.14 -12.65 -11.69
N LYS A 5 -6.16 -12.17 -12.38
CA LYS A 5 -7.12 -11.25 -11.81
C LYS A 5 -8.15 -12.00 -10.97
N SER A 6 -8.88 -11.23 -10.14
CA SER A 6 -9.94 -11.76 -9.32
C SER A 6 -11.14 -12.11 -10.19
N PRO A 7 -12.13 -12.83 -9.64
CA PRO A 7 -13.35 -13.12 -10.42
C PRO A 7 -14.03 -11.88 -10.96
N ALA A 8 -13.82 -10.71 -10.35
CA ALA A 8 -14.37 -9.46 -10.81
C ALA A 8 -13.40 -8.66 -11.68
N GLY A 9 -12.24 -9.24 -12.02
CA GLY A 9 -11.28 -8.55 -12.86
C GLY A 9 -10.35 -7.62 -12.12
N VAL A 10 -10.27 -7.74 -10.79
CA VAL A 10 -9.41 -6.85 -10.01
C VAL A 10 -7.99 -7.41 -9.99
N ARG A 11 -7.00 -6.52 -10.17
CA ARG A 11 -5.62 -6.93 -10.45
C ARG A 11 -4.84 -7.19 -9.15
N TYR A 12 -5.24 -8.26 -8.45
CA TYR A 12 -4.59 -8.67 -7.20
C TYR A 12 -3.51 -9.73 -7.42
N HIS A 13 -3.08 -9.93 -8.68
CA HIS A 13 -2.05 -10.89 -9.09
C HIS A 13 -2.10 -12.18 -8.29
N GLY A 14 -3.19 -12.92 -8.46
CA GLY A 14 -3.34 -14.23 -7.89
C GLY A 14 -3.76 -14.26 -6.44
N GLY A 15 -3.78 -13.12 -5.75
CA GLY A 15 -4.19 -13.08 -4.36
C GLY A 15 -3.15 -13.60 -3.38
N ASP A 16 -1.93 -13.90 -3.83
CA ASP A 16 -0.94 -14.55 -2.99
C ASP A 16 0.27 -13.66 -2.68
N GLU A 17 0.13 -12.34 -2.85
CA GLU A 17 1.27 -11.46 -2.62
C GLU A 17 1.49 -11.20 -1.13
N ILE A 18 2.76 -11.02 -0.78
CA ILE A 18 3.20 -10.57 0.54
C ILE A 18 4.21 -9.47 0.25
N ILE A 19 3.87 -8.23 0.57
CA ILE A 19 4.56 -7.06 0.06
C ILE A 19 5.41 -6.42 1.15
N LEU A 20 6.62 -6.01 0.79
CA LEU A 20 7.45 -5.14 1.62
C LEU A 20 7.37 -3.72 1.10
N GLN A 21 7.06 -2.75 1.97
CA GLN A 21 7.27 -1.36 1.60
C GLN A 21 8.76 -1.09 1.73
N GLY A 22 9.41 -0.80 0.60
CA GLY A 22 10.86 -0.81 0.52
C GLY A 22 11.54 0.51 0.79
N PHE A 23 10.99 1.32 1.69
CA PHE A 23 11.59 2.59 2.05
C PHE A 23 10.85 3.12 3.26
N HIS A 24 11.43 4.13 3.90
CA HIS A 24 10.72 4.98 4.87
C HIS A 24 10.87 6.44 4.44
N TRP A 25 10.23 7.34 5.18
CA TRP A 25 10.10 8.73 4.74
C TRP A 25 11.45 9.43 4.61
N ASN A 26 12.41 9.13 5.48
CA ASN A 26 13.64 9.91 5.55
C ASN A 26 14.82 9.24 4.84
N VAL A 27 14.55 8.26 3.98
CA VAL A 27 15.63 7.55 3.29
C VAL A 27 16.52 8.52 2.50
N VAL A 28 15.92 9.53 1.84
CA VAL A 28 16.74 10.41 1.01
C VAL A 28 17.70 11.24 1.84
N ARG A 29 17.44 11.37 3.14
CA ARG A 29 18.31 12.08 4.06
C ARG A 29 19.23 11.16 4.85
N GLU A 30 18.75 9.96 5.20
CA GLU A 30 19.56 9.05 6.02
C GLU A 30 20.57 8.29 5.19
N ALA A 31 20.26 8.02 3.92
CA ALA A 31 21.15 7.28 3.03
C ALA A 31 21.27 8.03 1.71
N PRO A 32 21.93 9.18 1.71
CA PRO A 32 21.93 10.04 0.52
C PRO A 32 22.43 9.33 -0.72
N ASN A 33 21.61 9.36 -1.77
CA ASN A 33 21.94 8.84 -3.10
C ASN A 33 22.34 7.38 -3.09
N ASP A 34 21.93 6.63 -2.07
CA ASP A 34 22.44 5.30 -1.81
C ASP A 34 21.35 4.26 -1.62
N TRP A 35 20.07 4.63 -1.68
CA TRP A 35 19.04 3.66 -1.31
C TRP A 35 18.95 2.51 -2.30
N TYR A 36 18.99 2.80 -3.60
CA TYR A 36 18.95 1.71 -4.57
C TYR A 36 20.11 0.74 -4.37
N ASN A 37 21.29 1.28 -4.03
CA ASN A 37 22.42 0.42 -3.71
C ASN A 37 22.11 -0.50 -2.55
N ILE A 38 21.48 0.05 -1.50
CA ILE A 38 21.13 -0.75 -0.33
C ILE A 38 20.10 -1.81 -0.71
N LEU A 39 19.10 -1.43 -1.51
CA LEU A 39 18.07 -2.40 -1.89
C LEU A 39 18.67 -3.55 -2.69
N ARG A 40 19.62 -3.25 -3.58
CA ARG A 40 20.29 -4.30 -4.33
C ARG A 40 21.06 -5.23 -3.39
N GLN A 41 21.75 -4.67 -2.41
CA GLN A 41 22.50 -5.51 -1.47
C GLN A 41 21.57 -6.34 -0.61
N GLN A 42 20.35 -5.85 -0.36
CA GLN A 42 19.38 -6.51 0.50
C GLN A 42 18.44 -7.45 -0.24
N ALA A 43 18.53 -7.51 -1.57
CA ALA A 43 17.53 -8.24 -2.35
C ALA A 43 17.43 -9.70 -1.93
N SER A 44 18.58 -10.37 -1.72
CA SER A 44 18.51 -11.78 -1.36
C SER A 44 17.92 -11.98 0.04
N THR A 45 18.13 -11.01 0.94
CA THR A 45 17.55 -11.08 2.27
C THR A 45 16.04 -10.88 2.21
N ILE A 46 15.60 -9.90 1.43
CA ILE A 46 14.18 -9.64 1.27
C ILE A 46 13.47 -10.86 0.72
N ALA A 47 14.07 -11.51 -0.27
CA ALA A 47 13.51 -12.74 -0.81
C ALA A 47 13.52 -13.86 0.23
N ALA A 48 14.63 -14.03 0.94
CA ALA A 48 14.70 -15.08 1.96
C ALA A 48 13.67 -14.86 3.06
N ASP A 49 13.33 -13.60 3.33
CA ASP A 49 12.37 -13.30 4.40
C ASP A 49 10.94 -13.62 3.99
N GLY A 50 10.71 -13.93 2.71
CA GLY A 50 9.43 -14.42 2.26
C GLY A 50 8.59 -13.43 1.50
N PHE A 51 9.12 -12.26 1.17
CA PHE A 51 8.34 -11.29 0.41
C PHE A 51 8.26 -11.70 -1.04
N SER A 52 7.08 -11.51 -1.62
CA SER A 52 6.88 -11.75 -3.05
C SER A 52 6.96 -10.47 -3.87
N ALA A 53 6.95 -9.31 -3.22
CA ALA A 53 6.88 -8.04 -3.94
C ALA A 53 7.47 -6.96 -3.05
N ILE A 54 8.00 -5.91 -3.69
CA ILE A 54 8.51 -4.75 -2.98
C ILE A 54 7.90 -3.48 -3.57
N TRP A 55 7.36 -2.63 -2.71
CA TRP A 55 6.84 -1.33 -3.10
C TRP A 55 8.01 -0.35 -3.05
N MET A 56 8.47 0.07 -4.24
CA MET A 56 9.60 0.96 -4.40
C MET A 56 9.19 2.41 -4.23
N PRO A 57 10.13 3.29 -3.83
CA PRO A 57 9.83 4.71 -3.80
C PRO A 57 9.51 5.23 -5.19
N VAL A 58 8.86 6.39 -5.24
CA VAL A 58 8.60 7.03 -6.53
C VAL A 58 9.93 7.19 -7.27
N PRO A 59 10.02 6.68 -8.50
CA PRO A 59 11.31 6.66 -9.20
C PRO A 59 11.63 7.96 -9.94
N TRP A 60 10.65 8.86 -10.02
CA TRP A 60 10.79 10.13 -10.72
C TRP A 60 11.50 11.13 -9.83
N ARG A 61 12.57 11.74 -10.35
CA ARG A 61 13.40 12.58 -9.50
C ARG A 61 12.62 13.76 -8.93
N ASP A 62 12.94 14.07 -7.67
CA ASP A 62 12.24 15.07 -6.87
C ASP A 62 13.34 15.85 -6.15
N PHE A 63 13.51 17.13 -6.49
CA PHE A 63 14.50 17.98 -5.84
C PHE A 63 13.84 19.11 -5.06
N SER A 64 12.58 18.92 -4.68
CA SER A 64 11.85 19.89 -3.89
C SER A 64 12.43 19.98 -2.48
N SER A 65 12.12 21.09 -1.81
CA SER A 65 12.65 21.36 -0.48
C SER A 65 11.76 22.41 0.16
N TRP A 66 11.39 22.19 1.42
CA TRP A 66 10.48 23.11 2.09
C TRP A 66 10.81 23.13 3.58
N SER A 67 10.46 24.25 4.21
CA SER A 67 10.62 24.44 5.65
C SER A 67 9.39 25.19 6.20
N LYS A 71 9.92 21.65 11.26
CA LYS A 71 9.45 20.73 10.23
C LYS A 71 10.04 21.08 8.85
N SER A 72 10.51 20.06 8.13
CA SER A 72 11.11 20.25 6.82
C SER A 72 11.07 18.95 6.05
N GLY A 73 11.21 19.06 4.74
CA GLY A 73 11.26 17.87 3.91
C GLY A 73 11.49 18.22 2.46
N GLY A 74 11.28 17.23 1.61
CA GLY A 74 11.52 17.37 0.19
C GLY A 74 12.33 16.21 -0.36
N GLY A 75 12.24 15.99 -1.67
CA GLY A 75 13.06 15.00 -2.34
C GLY A 75 12.53 13.58 -2.33
N GLU A 76 11.42 13.33 -1.63
CA GLU A 76 10.99 11.96 -1.37
C GLU A 76 10.29 11.31 -2.55
N GLY A 77 9.88 12.09 -3.56
CA GLY A 77 9.25 11.56 -4.75
C GLY A 77 7.86 12.07 -5.02
N TYR A 78 7.16 12.56 -4.01
CA TYR A 78 5.77 12.98 -4.18
C TYR A 78 5.64 14.38 -4.76
N PHE A 79 6.76 15.04 -5.06
CA PHE A 79 6.73 16.32 -5.77
C PHE A 79 7.81 16.29 -6.84
N TRP A 80 7.80 15.22 -7.63
CA TRP A 80 8.73 15.03 -8.74
C TRP A 80 8.58 16.13 -9.80
N HIS A 81 9.68 16.43 -10.49
CA HIS A 81 9.60 17.40 -11.57
C HIS A 81 9.72 16.81 -12.98
N ASP A 82 10.22 15.60 -13.13
CA ASP A 82 10.06 14.87 -14.40
C ASP A 82 10.34 13.39 -14.14
N PHE A 83 10.36 12.59 -15.20
CA PHE A 83 10.51 11.15 -15.08
C PHE A 83 11.95 10.69 -15.05
N ASN A 84 12.92 11.61 -15.12
CA ASN A 84 14.32 11.24 -15.04
C ASN A 84 14.56 10.49 -13.75
N LYS A 85 15.25 9.35 -13.83
CA LYS A 85 15.41 8.44 -12.70
C LYS A 85 16.60 8.79 -11.82
N ASN A 86 17.37 9.82 -12.18
CA ASN A 86 18.55 10.20 -11.41
C ASN A 86 18.10 11.17 -10.32
N GLY A 87 17.50 10.59 -9.27
CA GLY A 87 16.97 11.36 -8.17
C GLY A 87 17.66 11.05 -6.86
N ARG A 88 16.95 11.30 -5.76
CA ARG A 88 17.57 11.26 -4.44
C ARG A 88 17.76 9.85 -3.89
N TYR A 89 17.18 8.83 -4.53
CA TYR A 89 17.36 7.44 -4.11
C TYR A 89 18.54 6.77 -4.78
N GLY A 90 19.10 7.39 -5.82
CA GLY A 90 20.15 6.77 -6.58
C GLY A 90 20.01 7.07 -8.05
N SER A 91 20.98 6.63 -8.83
CA SER A 91 21.01 6.92 -10.25
C SER A 91 20.08 5.98 -11.02
N ASP A 92 19.88 6.32 -12.30
CA ASP A 92 19.15 5.46 -13.21
C ASP A 92 19.79 4.07 -13.27
N ALA A 93 21.12 4.03 -13.40
CA ALA A 93 21.81 2.75 -13.46
C ALA A 93 21.64 1.97 -12.16
N GLN A 94 21.69 2.66 -11.02
CA GLN A 94 21.52 1.97 -9.76
C GLN A 94 20.11 1.43 -9.59
N LEU A 95 19.11 2.13 -10.11
CA LEU A 95 17.74 1.61 -10.05
C LEU A 95 17.61 0.34 -10.88
N ARG A 96 18.14 0.36 -12.11
CA ARG A 96 18.06 -0.84 -12.95
C ARG A 96 18.75 -2.01 -12.26
N GLN A 97 19.87 -1.77 -11.59
CA GLN A 97 20.58 -2.83 -10.91
C GLN A 97 19.78 -3.36 -9.71
N ALA A 98 19.13 -2.46 -8.96
CA ALA A 98 18.33 -2.91 -7.83
C ALA A 98 17.11 -3.69 -8.31
N ALA A 99 16.40 -3.16 -9.30
CA ALA A 99 15.22 -3.85 -9.80
C ALA A 99 15.59 -5.21 -10.38
N GLY A 100 16.74 -5.29 -11.05
CA GLY A 100 17.18 -6.57 -11.60
C GLY A 100 17.52 -7.56 -10.51
N ALA A 101 18.16 -7.09 -9.44
CA ALA A 101 18.50 -7.98 -8.33
C ALA A 101 17.25 -8.45 -7.60
N LEU A 102 16.30 -7.54 -7.40
CA LEU A 102 15.06 -7.90 -6.72
C LEU A 102 14.25 -8.89 -7.54
N GLY A 103 13.96 -8.54 -8.80
CA GLY A 103 13.21 -9.45 -9.65
C GLY A 103 13.91 -10.78 -9.85
N GLY A 104 15.25 -10.76 -9.95
CA GLY A 104 16.01 -12.00 -10.10
C GLY A 104 15.91 -12.90 -8.89
N ALA A 105 15.71 -12.32 -7.70
CA ALA A 105 15.51 -13.08 -6.48
C ALA A 105 14.05 -13.48 -6.26
N GLY A 106 13.17 -13.17 -7.20
CA GLY A 106 11.77 -13.53 -7.12
C GLY A 106 10.89 -12.50 -6.46
N VAL A 107 11.37 -11.26 -6.32
CA VAL A 107 10.62 -10.20 -5.65
C VAL A 107 10.15 -9.25 -6.75
N LYS A 108 8.84 -9.24 -7.01
CA LYS A 108 8.37 -8.35 -8.06
C LYS A 108 8.42 -6.91 -7.59
N VAL A 109 8.65 -6.00 -8.53
CA VAL A 109 9.02 -4.62 -8.23
C VAL A 109 7.80 -3.73 -8.53
N LEU A 110 7.23 -3.11 -7.50
CA LEU A 110 6.06 -2.27 -7.63
C LEU A 110 6.48 -0.81 -7.47
N TYR A 111 6.24 0.01 -8.49
CA TYR A 111 6.65 1.41 -8.41
C TYR A 111 5.52 2.30 -7.90
N ASP A 112 5.84 3.12 -6.89
CA ASP A 112 5.00 4.22 -6.46
C ASP A 112 4.96 5.26 -7.59
N VAL A 113 3.76 5.56 -8.10
CA VAL A 113 3.60 6.54 -9.17
C VAL A 113 2.61 7.61 -8.72
N VAL A 114 2.86 8.85 -9.16
CA VAL A 114 2.22 10.04 -8.60
C VAL A 114 1.62 10.85 -9.75
N PRO A 115 0.47 10.44 -10.30
CA PRO A 115 -0.09 11.18 -11.46
C PRO A 115 -0.76 12.48 -11.11
N ASN A 116 -1.13 12.74 -9.85
CA ASN A 116 -2.05 13.83 -9.59
C ASN A 116 -1.42 15.20 -9.84
N HIS A 117 -0.12 15.33 -9.63
CA HIS A 117 0.55 16.63 -9.58
C HIS A 117 2.03 16.43 -9.83
N MET A 118 2.70 17.54 -10.10
CA MET A 118 4.15 17.56 -10.30
C MET A 118 4.66 18.92 -9.85
N ASN A 119 5.98 19.00 -9.67
CA ASN A 119 6.63 20.24 -9.24
C ASN A 119 6.69 21.19 -10.43
N ARG A 120 5.55 21.85 -10.65
CA ARG A 120 5.35 22.70 -11.83
C ARG A 120 6.39 23.81 -11.91
N GLY A 121 6.78 24.37 -10.77
CA GLY A 121 7.71 25.49 -10.75
C GLY A 121 9.17 25.17 -10.80
N TYR A 122 9.58 23.90 -10.78
CA TYR A 122 11.00 23.59 -10.73
C TYR A 122 11.69 24.09 -11.98
N PRO A 123 12.80 24.84 -11.86
CA PRO A 123 13.33 25.56 -13.03
C PRO A 123 14.01 24.69 -14.07
N ASP A 124 14.53 23.51 -13.73
CA ASP A 124 15.29 22.69 -14.67
C ASP A 124 14.65 21.30 -14.76
N LYS A 125 13.79 21.10 -15.77
CA LYS A 125 13.10 19.82 -15.86
C LYS A 125 12.78 19.50 -17.31
N GLU A 126 12.57 18.21 -17.56
CA GLU A 126 12.33 17.69 -18.90
C GLU A 126 10.88 17.79 -19.34
N ILE A 127 9.95 18.01 -18.42
CA ILE A 127 8.53 18.09 -18.71
C ILE A 127 8.09 19.52 -18.41
N ASN A 128 7.78 20.27 -19.47
CA ASN A 128 7.49 21.70 -19.36
C ASN A 128 6.15 21.92 -20.06
N LEU A 129 5.08 21.89 -19.27
CA LEU A 129 3.74 22.00 -19.81
C LEU A 129 3.24 23.42 -19.62
N PRO A 130 3.02 24.18 -20.69
CA PRO A 130 2.56 25.57 -20.53
C PRO A 130 1.13 25.62 -20.01
N ALA A 131 0.75 26.82 -19.59
CA ALA A 131 -0.63 27.11 -19.24
C ALA A 131 -1.44 27.35 -20.52
N GLY A 132 -2.76 27.29 -20.37
CA GLY A 132 -3.64 27.68 -21.46
C GLY A 132 -3.90 26.62 -22.51
N GLN A 133 -3.51 25.36 -22.27
CA GLN A 133 -3.82 24.28 -23.19
C GLN A 133 -4.62 23.17 -22.51
N GLY A 134 -5.07 23.38 -21.28
CA GLY A 134 -5.82 22.38 -20.57
C GLY A 134 -5.00 21.31 -19.89
N PHE A 135 -3.67 21.48 -19.81
CA PHE A 135 -2.82 20.48 -19.15
C PHE A 135 -2.93 20.53 -17.64
N TRP A 136 -3.45 21.62 -17.07
CA TRP A 136 -3.43 21.85 -15.64
C TRP A 136 -4.83 22.04 -15.09
N ARG A 137 -5.02 21.58 -13.85
CA ARG A 137 -6.27 21.83 -13.14
C ARG A 137 -6.65 23.31 -13.17
N ASN A 138 -5.69 24.19 -12.89
CA ASN A 138 -6.02 25.61 -12.74
C ASN A 138 -6.03 26.35 -14.07
N ASP A 139 -5.96 25.63 -15.20
CA ASP A 139 -6.37 26.23 -16.47
C ASP A 139 -7.87 26.52 -16.46
N CYS A 140 -8.63 25.82 -15.64
CA CYS A 140 -10.06 25.98 -15.43
C CYS A 140 -10.31 26.71 -14.11
N ALA A 141 -11.50 27.27 -13.97
CA ALA A 141 -11.89 27.86 -12.70
C ALA A 141 -11.78 26.81 -11.60
N ASP A 142 -11.27 27.22 -10.44
CA ASP A 142 -10.99 26.30 -9.33
C ASP A 142 -11.49 26.91 -8.03
N PRO A 143 -12.78 26.74 -7.74
CA PRO A 143 -13.34 27.37 -6.53
C PRO A 143 -13.04 26.62 -5.23
N GLY A 144 -12.61 25.37 -5.28
CA GLY A 144 -12.38 24.64 -4.04
C GLY A 144 -11.90 23.22 -4.33
N ASN A 145 -11.72 22.48 -3.24
CA ASN A 145 -11.16 21.12 -3.34
C ASN A 145 -12.25 20.11 -3.71
N TYR A 146 -12.52 20.04 -5.01
CA TYR A 146 -13.47 19.11 -5.60
C TYR A 146 -13.22 19.13 -7.10
N PRO A 147 -13.81 18.21 -7.88
CA PRO A 147 -13.52 18.19 -9.31
C PRO A 147 -13.88 19.51 -9.99
N ASN A 148 -13.10 19.87 -10.99
CA ASN A 148 -13.44 21.02 -11.82
C ASN A 148 -13.36 20.63 -13.30
N ASP A 149 -13.41 21.58 -14.21
CA ASP A 149 -13.50 21.22 -15.62
C ASP A 149 -12.16 20.77 -16.20
N CYS A 150 -11.09 20.81 -15.40
CA CYS A 150 -9.76 20.41 -15.84
C CYS A 150 -9.17 19.33 -14.95
N ASP A 151 -9.98 18.70 -14.11
CA ASP A 151 -9.46 17.76 -13.11
C ASP A 151 -10.66 17.04 -12.49
N ASP A 152 -10.85 15.76 -12.79
CA ASP A 152 -12.04 15.06 -12.32
C ASP A 152 -11.86 14.43 -10.94
N GLY A 153 -10.88 14.87 -10.17
CA GLY A 153 -10.78 14.48 -8.78
C GLY A 153 -10.43 15.66 -7.89
N ASP A 154 -9.99 15.34 -6.67
CA ASP A 154 -9.60 16.34 -5.70
C ASP A 154 -8.25 16.95 -6.07
N ARG A 155 -7.84 17.95 -5.30
CA ARG A 155 -6.59 18.64 -5.57
C ARG A 155 -5.63 18.48 -4.39
N PHE A 156 -4.34 18.63 -4.70
CA PHE A 156 -3.27 18.56 -3.72
C PHE A 156 -2.99 19.96 -3.21
N ILE A 157 -3.23 20.17 -1.92
CA ILE A 157 -3.14 21.47 -1.26
C ILE A 157 -3.92 22.49 -2.08
N GLY A 158 -3.24 23.51 -2.61
CA GLY A 158 -3.93 24.57 -3.32
C GLY A 158 -4.35 24.25 -4.74
N GLY A 159 -3.87 23.12 -5.29
CA GLY A 159 -4.25 22.71 -6.62
C GLY A 159 -3.42 23.29 -7.76
N GLU A 160 -2.55 24.25 -7.47
CA GLU A 160 -1.80 24.92 -8.54
C GLU A 160 -0.85 24.00 -9.27
N SER A 161 -0.55 22.83 -8.70
CA SER A 161 0.33 21.87 -9.33
C SER A 161 -0.40 20.63 -9.81
N ASP A 162 -1.73 20.58 -9.68
CA ASP A 162 -2.50 19.43 -10.15
C ASP A 162 -2.53 19.38 -11.68
N LEU A 163 -2.27 18.20 -12.22
CA LEU A 163 -2.32 17.94 -13.66
C LEU A 163 -3.72 17.53 -14.07
N ASN A 164 -4.08 17.87 -15.32
CA ASN A 164 -5.32 17.36 -15.89
C ASN A 164 -5.05 15.96 -16.42
N THR A 165 -5.17 14.94 -15.56
CA THR A 165 -4.74 13.61 -15.98
C THR A 165 -5.65 13.03 -17.06
N GLY A 166 -6.84 13.59 -17.26
CA GLY A 166 -7.73 13.17 -18.32
C GLY A 166 -7.50 13.85 -19.66
N HIS A 167 -6.65 14.87 -19.71
CA HIS A 167 -6.25 15.44 -20.99
C HIS A 167 -5.53 14.36 -21.78
N PRO A 168 -5.82 14.18 -23.07
CA PRO A 168 -5.22 13.05 -23.81
C PRO A 168 -3.70 13.05 -23.77
N GLN A 169 -3.07 14.23 -23.84
CA GLN A 169 -1.61 14.26 -23.82
C GLN A 169 -1.06 13.86 -22.45
N ILE A 170 -1.73 14.29 -21.38
CA ILE A 170 -1.27 13.97 -20.03
C ILE A 170 -1.56 12.51 -19.71
N TYR A 171 -2.75 12.03 -20.08
CA TYR A 171 -3.04 10.61 -19.94
C TYR A 171 -1.97 9.78 -20.62
N GLY A 172 -1.64 10.13 -21.87
CA GLY A 172 -0.68 9.35 -22.63
C GLY A 172 0.72 9.43 -22.06
N MET A 173 1.09 10.59 -21.51
CA MET A 173 2.40 10.75 -20.89
C MET A 173 2.59 9.74 -19.76
N PHE A 174 1.57 9.59 -18.91
CA PHE A 174 1.67 8.60 -17.83
C PHE A 174 1.56 7.19 -18.37
N ARG A 175 0.66 6.95 -19.33
CA ARG A 175 0.56 5.63 -19.96
C ARG A 175 1.91 5.15 -20.46
N ASP A 176 2.61 6.01 -21.20
CA ASP A 176 3.89 5.66 -21.78
C ASP A 176 4.95 5.46 -20.70
N GLU A 177 4.89 6.24 -19.62
CA GLU A 177 5.89 6.07 -18.56
C GLU A 177 5.65 4.79 -17.77
N LEU A 178 4.39 4.39 -17.55
CA LEU A 178 4.15 3.07 -16.97
C LEU A 178 4.71 1.96 -17.85
N ALA A 179 4.54 2.08 -19.16
CA ALA A 179 5.13 1.10 -20.07
C ALA A 179 6.65 1.12 -19.99
N ASN A 180 7.23 2.31 -19.85
CA ASN A 180 8.68 2.43 -19.72
C ASN A 180 9.17 1.77 -18.44
N LEU A 181 8.44 1.93 -17.34
CA LEU A 181 8.83 1.29 -16.10
C LEU A 181 8.78 -0.23 -16.23
N ARG A 182 7.80 -0.75 -16.97
CA ARG A 182 7.70 -2.20 -17.15
C ARG A 182 8.81 -2.74 -18.07
N SER A 183 9.11 -2.04 -19.15
CA SER A 183 10.07 -2.58 -20.12
C SER A 183 11.52 -2.30 -19.74
N GLY A 184 11.79 -1.23 -19.01
CA GLY A 184 13.16 -0.86 -18.72
C GLY A 184 13.57 -0.94 -17.28
N TYR A 185 12.60 -1.03 -16.37
CA TYR A 185 12.90 -0.96 -14.94
C TYR A 185 12.25 -2.10 -14.18
N GLY A 186 11.86 -3.16 -14.89
CA GLY A 186 11.43 -4.40 -14.27
C GLY A 186 10.15 -4.31 -13.49
N ALA A 187 9.26 -3.36 -13.81
CA ALA A 187 8.06 -3.19 -12.99
C ALA A 187 7.17 -4.43 -13.11
N GLY A 188 6.71 -4.91 -11.95
CA GLY A 188 5.68 -5.93 -11.87
C GLY A 188 4.33 -5.37 -11.45
N GLY A 189 4.22 -4.07 -11.38
CA GLY A 189 2.98 -3.44 -10.97
C GLY A 189 3.28 -2.08 -10.38
N PHE A 190 2.22 -1.47 -9.84
CA PHE A 190 2.28 -0.07 -9.45
C PHE A 190 1.43 0.18 -8.21
N ARG A 191 1.91 1.10 -7.39
CA ARG A 191 1.17 1.67 -6.27
C ARG A 191 0.77 3.09 -6.67
N PHE A 192 -0.54 3.34 -6.76
CA PHE A 192 -1.02 4.64 -7.22
C PHE A 192 -1.24 5.56 -6.02
N ASP A 193 -0.55 6.70 -6.06
CA ASP A 193 -0.59 7.71 -5.03
C ASP A 193 -1.81 8.63 -5.17
N PHE A 194 -2.40 9.01 -4.04
CA PHE A 194 -3.39 10.10 -4.00
C PHE A 194 -4.52 9.88 -5.00
N VAL A 195 -5.12 8.68 -4.96
CA VAL A 195 -6.11 8.34 -5.98
C VAL A 195 -7.40 9.13 -5.84
N ARG A 196 -7.60 9.82 -4.71
CA ARG A 196 -8.70 10.77 -4.63
C ARG A 196 -8.55 11.92 -5.61
N GLY A 197 -7.36 12.09 -6.17
CA GLY A 197 -7.07 13.22 -7.03
C GLY A 197 -7.50 13.10 -8.47
N TYR A 198 -7.96 11.93 -8.90
CA TYR A 198 -8.28 11.69 -10.31
C TYR A 198 -9.22 10.48 -10.39
N ALA A 199 -9.84 10.30 -11.56
CA ALA A 199 -10.89 9.29 -11.68
C ALA A 199 -10.35 7.89 -11.45
N PRO A 200 -11.06 7.03 -10.69
CA PRO A 200 -10.61 5.63 -10.58
C PRO A 200 -10.56 4.91 -11.90
N GLU A 201 -11.48 5.24 -12.82
CA GLU A 201 -11.50 4.57 -14.11
C GLU A 201 -10.21 4.84 -14.88
N ARG A 202 -9.52 5.95 -14.60
CA ARG A 202 -8.27 6.22 -15.30
C ARG A 202 -7.17 5.26 -14.87
N VAL A 203 -7.21 4.80 -13.62
CA VAL A 203 -6.26 3.78 -13.19
C VAL A 203 -6.51 2.47 -13.93
N ASP A 204 -7.79 2.09 -14.07
CA ASP A 204 -8.10 0.91 -14.88
C ASP A 204 -7.59 1.06 -16.31
N SER A 205 -7.77 2.24 -16.89
CA SER A 205 -7.31 2.47 -18.27
C SER A 205 -5.79 2.37 -18.35
N TRP A 206 -5.09 3.02 -17.42
CA TRP A 206 -3.63 2.97 -17.42
C TRP A 206 -3.13 1.54 -17.31
N MET A 207 -3.69 0.77 -16.37
CA MET A 207 -3.27 -0.61 -16.22
C MET A 207 -3.64 -1.45 -17.45
N SER A 208 -4.85 -1.27 -18.00
CA SER A 208 -5.20 -1.99 -19.23
C SER A 208 -4.21 -1.69 -20.36
N ASP A 209 -3.85 -0.43 -20.54
CA ASP A 209 -2.99 -0.06 -21.66
C ASP A 209 -1.57 -0.58 -21.47
N SER A 210 -1.03 -0.52 -20.26
CA SER A 210 0.40 -0.64 -20.08
C SER A 210 0.84 -1.79 -19.20
N ALA A 211 -0.04 -2.37 -18.38
CA ALA A 211 0.38 -3.45 -17.48
C ALA A 211 -0.82 -4.27 -17.02
N ASP A 212 -1.59 -4.81 -17.96
CA ASP A 212 -2.90 -5.34 -17.62
C ASP A 212 -2.84 -6.52 -16.67
N SER A 213 -1.81 -7.36 -16.78
CA SER A 213 -1.68 -8.53 -15.91
C SER A 213 -0.85 -8.28 -14.66
N SER A 214 -0.43 -7.05 -14.42
CA SER A 214 0.42 -6.75 -13.28
C SER A 214 -0.43 -6.53 -12.02
N PHE A 215 0.26 -6.42 -10.88
CA PHE A 215 -0.38 -6.07 -9.62
C PHE A 215 -0.59 -4.57 -9.53
N CYS A 216 -1.69 -4.16 -8.91
CA CYS A 216 -2.08 -2.77 -8.74
C CYS A 216 -2.48 -2.57 -7.27
N VAL A 217 -2.17 -1.40 -6.69
CA VAL A 217 -2.86 -1.00 -5.46
C VAL A 217 -2.96 0.53 -5.44
N GLY A 218 -4.09 1.05 -5.01
CA GLY A 218 -4.28 2.49 -4.90
C GLY A 218 -4.46 2.91 -3.46
N GLU A 219 -3.94 4.10 -3.12
CA GLU A 219 -4.18 4.69 -1.80
C GLU A 219 -5.31 5.70 -1.91
N LEU A 220 -6.48 5.30 -1.44
CA LEU A 220 -7.59 6.22 -1.22
C LEU A 220 -7.67 6.47 0.28
N TRP A 221 -7.25 7.64 0.70
CA TRP A 221 -7.31 8.05 2.10
C TRP A 221 -8.28 9.22 2.16
N LYS A 222 -9.54 8.93 2.46
CA LYS A 222 -10.58 9.95 2.43
C LYS A 222 -11.76 9.42 3.24
N GLY A 223 -11.99 10.02 4.39
CA GLY A 223 -13.06 9.59 5.26
C GLY A 223 -14.42 10.09 4.80
N PRO A 224 -15.48 9.49 5.34
CA PRO A 224 -16.84 9.93 4.99
C PRO A 224 -17.07 11.43 5.12
N SER A 225 -16.54 12.07 6.17
CA SER A 225 -16.82 13.48 6.40
C SER A 225 -16.19 14.40 5.36
N GLU A 226 -15.32 13.89 4.51
CA GLU A 226 -14.69 14.70 3.48
C GLU A 226 -15.52 14.76 2.20
N TYR A 227 -16.62 14.02 2.13
CA TYR A 227 -17.52 14.04 1.00
C TYR A 227 -18.69 14.97 1.26
N PRO A 228 -19.24 15.57 0.21
CA PRO A 228 -20.37 16.49 0.38
C PRO A 228 -21.59 15.79 0.96
N SER A 229 -22.47 16.60 1.54
CA SER A 229 -23.61 16.04 2.26
C SER A 229 -24.57 15.28 1.35
N TRP A 230 -24.55 15.57 0.05
CA TRP A 230 -25.41 14.87 -0.90
C TRP A 230 -24.79 13.60 -1.46
N ASP A 231 -23.52 13.34 -1.15
CA ASP A 231 -22.82 12.16 -1.63
C ASP A 231 -23.10 10.99 -0.70
N TRP A 232 -23.47 9.83 -1.27
CA TRP A 232 -23.77 8.69 -0.43
C TRP A 232 -22.58 8.30 0.44
N ARG A 233 -21.36 8.66 0.02
CA ARG A 233 -20.18 8.32 0.82
C ARG A 233 -20.10 9.11 2.12
N ASN A 234 -20.81 10.24 2.22
CA ASN A 234 -20.78 11.03 3.45
C ASN A 234 -21.34 10.28 4.65
N THR A 235 -22.22 9.29 4.42
CA THR A 235 -22.76 8.48 5.50
C THR A 235 -22.41 7.02 5.34
N ALA A 236 -21.41 6.72 4.51
CA ALA A 236 -21.01 5.34 4.28
C ALA A 236 -19.89 4.96 5.23
N SER A 237 -19.62 3.66 5.29
CA SER A 237 -18.48 3.19 6.05
C SER A 237 -17.20 3.40 5.24
N TRP A 238 -16.06 3.37 5.95
CA TRP A 238 -14.78 3.42 5.25
C TRP A 238 -14.64 2.27 4.26
N GLN A 239 -15.12 1.08 4.65
CA GLN A 239 -15.09 -0.08 3.77
C GLN A 239 -15.78 0.23 2.43
N GLN A 240 -16.99 0.78 2.51
CA GLN A 240 -17.76 1.01 1.30
C GLN A 240 -17.06 1.99 0.38
N ILE A 241 -16.43 3.01 0.97
CA ILE A 241 -15.77 4.05 0.18
C ILE A 241 -14.60 3.48 -0.59
N ILE A 242 -13.73 2.72 0.08
CA ILE A 242 -12.56 2.22 -0.62
C ILE A 242 -12.94 1.08 -1.56
N LYS A 243 -13.97 0.29 -1.21
CA LYS A 243 -14.43 -0.78 -2.10
C LYS A 243 -14.97 -0.21 -3.40
N ASP A 244 -15.70 0.91 -3.33
CA ASP A 244 -16.22 1.54 -4.55
C ASP A 244 -15.07 1.96 -5.46
N TRP A 245 -14.01 2.54 -4.89
CA TRP A 245 -12.86 2.90 -5.70
C TRP A 245 -12.27 1.67 -6.38
N SER A 246 -12.08 0.59 -5.61
CA SER A 246 -11.48 -0.61 -6.17
C SER A 246 -12.32 -1.18 -7.31
N ASP A 247 -13.65 -1.12 -7.18
CA ASP A 247 -14.55 -1.58 -8.24
C ASP A 247 -14.28 -0.86 -9.56
N ARG A 248 -14.12 0.46 -9.47
CA ARG A 248 -14.02 1.29 -10.66
C ARG A 248 -12.61 1.30 -11.24
N ALA A 249 -11.59 1.12 -10.40
CA ALA A 249 -10.22 1.04 -10.87
C ALA A 249 -9.80 -0.38 -11.26
N LYS A 250 -10.58 -1.39 -10.86
CA LYS A 250 -10.19 -2.78 -11.03
C LYS A 250 -8.82 -3.03 -10.40
N CYS A 251 -8.62 -2.42 -9.24
CA CYS A 251 -7.35 -2.35 -8.57
C CYS A 251 -7.59 -2.64 -7.10
N PRO A 252 -6.76 -3.47 -6.46
CA PRO A 252 -6.77 -3.56 -4.99
C PRO A 252 -6.58 -2.18 -4.36
N VAL A 253 -7.00 -2.03 -3.11
CA VAL A 253 -7.00 -0.73 -2.44
C VAL A 253 -6.47 -0.89 -1.02
N PHE A 254 -5.67 0.08 -0.58
CA PHE A 254 -5.14 -0.01 0.78
C PHE A 254 -6.30 0.00 1.77
N ASP A 255 -6.21 -0.88 2.76
CA ASP A 255 -7.32 -1.10 3.69
C ASP A 255 -7.27 -0.02 4.77
N PHE A 256 -7.71 1.17 4.39
CA PHE A 256 -7.81 2.25 5.36
C PHE A 256 -9.00 2.08 6.30
N ALA A 257 -9.92 1.18 5.96
CA ALA A 257 -10.95 0.82 6.93
C ALA A 257 -10.34 0.07 8.10
N LEU A 258 -9.43 -0.87 7.81
CA LEU A 258 -8.73 -1.54 8.90
C LEU A 258 -7.83 -0.57 9.66
N LYS A 259 -7.11 0.29 8.95
CA LYS A 259 -6.25 1.27 9.62
C LYS A 259 -7.06 2.16 10.55
N GLU A 260 -8.23 2.62 10.08
CA GLU A 260 -9.08 3.48 10.91
C GLU A 260 -9.50 2.77 12.20
N ARG A 261 -9.85 1.48 12.09
CA ARG A 261 -10.20 0.72 13.28
C ARG A 261 -8.99 0.47 14.17
N MET A 262 -7.80 0.24 13.60
CA MET A 262 -6.63 0.07 14.44
C MET A 262 -6.29 1.34 15.21
N GLN A 263 -6.52 2.51 14.60
CA GLN A 263 -6.21 3.78 15.25
C GLN A 263 -7.29 4.21 16.25
N ASN A 264 -8.56 3.92 15.97
CA ASN A 264 -9.66 4.52 16.72
C ASN A 264 -10.46 3.54 17.55
N GLY A 265 -10.46 2.25 17.20
CA GLY A 265 -11.28 1.27 17.87
C GLY A 265 -10.47 0.31 18.71
N SER A 266 -11.17 -0.71 19.20
CA SER A 266 -10.56 -1.75 20.00
C SER A 266 -9.95 -2.82 19.10
N VAL A 267 -9.14 -3.69 19.69
CA VAL A 267 -8.62 -4.83 18.95
C VAL A 267 -9.75 -5.70 18.45
N ALA A 268 -10.79 -5.90 19.27
CA ALA A 268 -11.95 -6.65 18.81
C ALA A 268 -12.55 -6.06 17.55
N ASP A 269 -12.50 -4.73 17.41
CA ASP A 269 -13.11 -4.02 16.29
C ASP A 269 -12.31 -4.16 15.01
N TRP A 270 -11.12 -4.76 15.05
CA TRP A 270 -10.33 -4.87 13.83
C TRP A 270 -11.03 -5.73 12.79
N LYS A 271 -12.03 -6.51 13.20
CA LYS A 271 -12.81 -7.32 12.27
C LYS A 271 -13.62 -6.48 11.30
N HIS A 272 -13.70 -5.17 11.50
CA HIS A 272 -14.49 -4.30 10.64
C HIS A 272 -13.65 -3.64 9.55
N GLY A 273 -12.41 -4.09 9.35
CA GLY A 273 -11.67 -3.69 8.17
C GLY A 273 -12.23 -4.34 6.92
N LEU A 274 -11.81 -3.83 5.76
CA LEU A 274 -12.26 -4.44 4.51
C LEU A 274 -11.83 -5.90 4.44
N ASN A 275 -10.65 -6.21 4.94
CA ASN A 275 -10.12 -7.56 4.81
C ASN A 275 -10.85 -8.58 5.69
N GLY A 276 -11.77 -8.14 6.54
CA GLY A 276 -12.56 -9.05 7.33
C GLY A 276 -13.95 -9.29 6.79
N ASN A 277 -14.28 -8.67 5.66
CA ASN A 277 -15.65 -8.73 5.14
C ASN A 277 -15.99 -10.16 4.72
N PRO A 278 -17.18 -10.65 5.05
CA PRO A 278 -17.52 -12.05 4.72
C PRO A 278 -17.71 -12.31 3.24
N ASP A 279 -17.85 -11.27 2.43
CA ASP A 279 -17.95 -11.42 0.99
C ASP A 279 -16.56 -11.47 0.41
N PRO A 280 -16.14 -12.56 -0.23
CA PRO A 280 -14.77 -12.64 -0.72
C PRO A 280 -14.45 -11.58 -1.77
N ARG A 281 -15.45 -11.09 -2.51
CA ARG A 281 -15.18 -10.03 -3.48
C ARG A 281 -14.81 -8.73 -2.79
N TRP A 282 -15.19 -8.58 -1.52
CA TRP A 282 -14.83 -7.41 -0.72
C TRP A 282 -13.46 -7.58 -0.09
N ARG A 283 -13.25 -8.67 0.66
CA ARG A 283 -12.01 -8.74 1.42
C ARG A 283 -10.81 -8.99 0.52
N GLU A 284 -10.99 -9.64 -0.63
CA GLU A 284 -9.82 -10.02 -1.43
C GLU A 284 -9.17 -8.84 -2.14
N VAL A 285 -9.81 -7.67 -2.18
CA VAL A 285 -9.21 -6.49 -2.79
C VAL A 285 -8.55 -5.60 -1.76
N ALA A 286 -8.58 -5.97 -0.48
CA ALA A 286 -7.95 -5.17 0.55
C ALA A 286 -6.45 -5.40 0.55
N VAL A 287 -5.69 -4.31 0.67
CA VAL A 287 -4.25 -4.38 0.85
C VAL A 287 -3.95 -3.81 2.24
N THR A 288 -3.63 -4.70 3.17
CA THR A 288 -3.56 -4.35 4.58
C THR A 288 -2.16 -3.87 4.93
N PHE A 289 -2.09 -3.06 5.97
CA PHE A 289 -0.80 -2.50 6.37
C PHE A 289 -0.90 -2.08 7.83
N VAL A 290 0.25 -1.86 8.45
CA VAL A 290 0.29 -1.38 9.83
C VAL A 290 0.58 0.11 9.87
N ASP A 291 1.65 0.55 9.23
CA ASP A 291 1.95 1.96 9.00
C ASP A 291 2.70 2.04 7.69
N ASN A 292 2.66 3.21 7.08
CA ASN A 292 3.51 3.48 5.93
C ASN A 292 4.37 4.72 6.24
N HIS A 293 5.00 5.26 5.20
CA HIS A 293 5.89 6.43 5.31
C HIS A 293 5.18 7.69 5.73
N ASP A 294 3.85 7.71 5.62
CA ASP A 294 3.01 8.87 5.92
C ASP A 294 2.37 8.72 7.30
N THR A 295 1.67 7.61 7.51
CA THR A 295 1.03 7.39 8.81
C THR A 295 2.05 7.12 9.91
N GLY A 296 3.15 6.45 9.59
CA GLY A 296 4.06 5.95 10.60
C GLY A 296 5.24 6.88 10.87
N TYR A 297 5.98 6.51 11.92
CA TYR A 297 7.28 7.12 12.13
C TYR A 297 8.28 6.65 11.08
N SER A 298 9.39 7.36 11.00
CA SER A 298 10.57 6.93 10.27
C SER A 298 11.79 7.28 11.09
N PRO A 299 12.89 6.53 10.97
CA PRO A 299 14.17 7.00 11.48
C PRO A 299 14.46 8.40 10.93
N GLY A 300 15.22 9.19 11.67
CA GLY A 300 15.69 10.47 11.14
C GLY A 300 14.88 11.67 11.58
N GLN A 301 15.00 12.75 10.79
CA GLN A 301 14.50 14.06 11.22
C GLN A 301 13.02 14.02 11.57
N ASN A 302 12.67 14.64 12.70
CA ASN A 302 11.32 14.75 13.22
C ASN A 302 10.62 13.42 13.43
N GLY A 303 11.37 12.31 13.41
CA GLY A 303 10.74 11.01 13.45
C GLY A 303 9.89 10.72 12.24
N GLY A 304 10.18 11.35 11.11
CA GLY A 304 9.34 11.21 9.94
C GLY A 304 8.05 12.01 10.06
N GLN A 305 7.00 11.49 9.42
CA GLN A 305 5.73 12.21 9.35
C GLN A 305 4.80 11.85 10.49
N HIS A 306 4.71 10.56 10.82
CA HIS A 306 3.84 10.01 11.88
C HIS A 306 2.49 10.71 11.95
N HIS A 307 1.80 10.74 10.80
CA HIS A 307 0.49 11.39 10.75
C HIS A 307 -0.62 10.57 11.39
N TRP A 308 -0.44 9.26 11.56
CA TRP A 308 -1.50 8.40 12.08
C TRP A 308 -0.88 7.08 12.51
N ALA A 309 0.03 7.14 13.48
CA ALA A 309 0.91 6.02 13.79
C ALA A 309 0.28 5.08 14.78
N LEU A 310 0.52 3.79 14.58
CA LEU A 310 0.08 2.77 15.52
C LEU A 310 1.00 2.74 16.73
N GLN A 311 0.41 2.80 17.91
CA GLN A 311 1.16 2.77 19.16
C GLN A 311 1.98 1.49 19.28
N ASP A 312 3.16 1.66 19.86
CA ASP A 312 4.08 0.62 20.31
C ASP A 312 3.39 -0.68 20.72
N GLY A 313 2.46 -0.56 21.65
CA GLY A 313 1.88 -1.71 22.29
C GLY A 313 1.00 -2.56 21.42
N LEU A 314 0.74 -2.13 20.18
CA LEU A 314 -0.11 -2.90 19.29
C LEU A 314 0.61 -3.36 18.03
N ILE A 315 1.91 -3.09 17.88
CA ILE A 315 2.57 -3.38 16.61
C ILE A 315 2.60 -4.89 16.34
N ARG A 316 3.00 -5.69 17.33
CA ARG A 316 3.05 -7.12 17.07
C ARG A 316 1.65 -7.68 16.81
N GLN A 317 0.66 -7.25 17.57
CA GLN A 317 -0.72 -7.68 17.34
C GLN A 317 -1.16 -7.35 15.93
N ALA A 318 -0.87 -6.13 15.48
CA ALA A 318 -1.29 -5.69 14.15
C ALA A 318 -0.62 -6.52 13.06
N TYR A 319 0.68 -6.80 13.20
CA TYR A 319 1.34 -7.62 12.19
C TYR A 319 0.82 -9.06 12.23
N ALA A 320 0.56 -9.60 13.43
CA ALA A 320 -0.02 -10.93 13.50
C ALA A 320 -1.37 -10.96 12.81
N TYR A 321 -2.19 -9.91 12.99
CA TYR A 321 -3.48 -9.88 12.33
C TYR A 321 -3.32 -9.84 10.81
N ILE A 322 -2.59 -8.87 10.28
CA ILE A 322 -2.60 -8.75 8.82
C ILE A 322 -1.87 -9.92 8.16
N LEU A 323 -0.89 -10.51 8.82
CA LEU A 323 -0.16 -11.58 8.17
C LEU A 323 -0.87 -12.93 8.24
N THR A 324 -1.83 -13.10 9.15
CA THR A 324 -2.60 -14.34 9.20
C THR A 324 -3.96 -14.23 8.54
N SER A 325 -4.37 -13.05 8.08
CA SER A 325 -5.74 -12.85 7.66
C SER A 325 -5.86 -12.59 6.15
N PRO A 326 -7.08 -12.54 5.63
CA PRO A 326 -7.25 -12.29 4.19
C PRO A 326 -6.87 -10.88 3.79
N GLY A 327 -7.14 -10.53 2.53
CA GLY A 327 -6.49 -9.39 1.92
C GLY A 327 -5.03 -9.71 1.66
N THR A 328 -4.32 -8.69 1.16
CA THR A 328 -2.91 -8.79 0.79
C THR A 328 -2.10 -7.93 1.75
N PRO A 329 -1.18 -8.48 2.54
CA PRO A 329 -0.49 -7.67 3.55
C PRO A 329 0.77 -6.99 3.06
N VAL A 330 1.02 -5.83 3.65
CA VAL A 330 2.21 -5.01 3.41
C VAL A 330 2.96 -4.83 4.72
N VAL A 331 4.28 -5.05 4.69
CA VAL A 331 5.15 -4.86 5.85
C VAL A 331 5.97 -3.58 5.66
N TYR A 332 6.01 -2.74 6.68
CA TYR A 332 6.74 -1.48 6.61
C TYR A 332 8.23 -1.70 6.83
N TRP A 333 9.06 -1.14 5.94
CA TRP A 333 10.51 -1.27 6.03
C TRP A 333 11.03 -1.15 7.45
N SER A 334 10.65 -0.09 8.16
CA SER A 334 11.32 0.18 9.42
C SER A 334 10.93 -0.81 10.51
N HIS A 335 9.68 -1.31 10.52
CA HIS A 335 9.38 -2.39 11.46
C HIS A 335 10.24 -3.61 11.18
N MET A 336 10.43 -3.93 9.89
CA MET A 336 11.12 -5.15 9.49
C MET A 336 12.62 -5.05 9.76
N TYR A 337 13.25 -3.94 9.38
CA TYR A 337 14.71 -3.90 9.27
C TYR A 337 15.38 -2.87 10.17
N ASP A 338 14.63 -2.00 10.83
CA ASP A 338 15.21 -1.01 11.73
C ASP A 338 14.86 -1.25 13.18
N TRP A 339 13.63 -1.62 13.47
CA TRP A 339 13.10 -1.49 14.82
C TRP A 339 12.94 -2.82 15.54
N GLY A 340 13.41 -3.92 14.94
CA GLY A 340 13.56 -5.16 15.66
C GLY A 340 12.42 -6.15 15.53
N TYR A 341 11.40 -5.86 14.73
CA TYR A 341 10.29 -6.79 14.57
C TYR A 341 10.53 -7.84 13.50
N GLY A 342 11.73 -7.84 12.88
CA GLY A 342 11.97 -8.68 11.72
C GLY A 342 11.81 -10.17 11.99
N ASP A 343 12.36 -10.67 13.10
CA ASP A 343 12.27 -12.10 13.34
C ASP A 343 10.83 -12.54 13.57
N PHE A 344 10.07 -11.72 14.29
CA PHE A 344 8.65 -11.99 14.52
C PHE A 344 7.88 -11.98 13.20
N ILE A 345 8.12 -10.96 12.37
CA ILE A 345 7.44 -10.89 11.09
C ILE A 345 7.83 -12.06 10.20
N ARG A 346 9.12 -12.42 10.19
CA ARG A 346 9.58 -13.59 9.44
C ARG A 346 8.78 -14.83 9.82
N GLN A 347 8.61 -15.04 11.13
CA GLN A 347 7.85 -16.20 11.59
C GLN A 347 6.41 -16.15 11.09
N LEU A 348 5.78 -14.98 11.15
CA LEU A 348 4.39 -14.85 10.73
C LEU A 348 4.26 -15.06 9.22
N ILE A 349 5.23 -14.59 8.44
CA ILE A 349 5.18 -14.84 6.99
C ILE A 349 5.25 -16.34 6.71
N GLN A 350 6.15 -17.04 7.40
CA GLN A 350 6.22 -18.49 7.23
C GLN A 350 4.91 -19.16 7.62
N VAL A 351 4.27 -18.69 8.70
CA VAL A 351 2.96 -19.24 9.10
C VAL A 351 1.93 -19.02 7.99
N ARG A 352 1.89 -17.80 7.44
CA ARG A 352 0.93 -17.50 6.36
C ARG A 352 1.15 -18.43 5.17
N ARG A 353 2.41 -18.59 4.76
CA ARG A 353 2.71 -19.40 3.58
C ARG A 353 2.43 -20.88 3.85
N THR A 354 2.83 -21.39 5.01
CA THR A 354 2.60 -22.80 5.32
C THR A 354 1.12 -23.12 5.44
N ALA A 355 0.32 -22.17 5.93
CA ALA A 355 -1.13 -22.37 6.00
C ALA A 355 -1.80 -22.15 4.66
N GLY A 356 -1.13 -21.51 3.71
CA GLY A 356 -1.78 -21.18 2.45
C GLY A 356 -2.84 -20.10 2.55
N VAL A 357 -2.68 -19.15 3.49
CA VAL A 357 -3.62 -18.04 3.56
C VAL A 357 -3.39 -17.14 2.36
N ARG A 358 -4.50 -16.72 1.73
CA ARG A 358 -4.45 -15.86 0.56
C ARG A 358 -5.53 -14.81 0.70
N ALA A 359 -5.60 -13.93 -0.31
CA ALA A 359 -6.41 -12.73 -0.19
C ALA A 359 -7.88 -13.05 0.01
N ASP A 360 -8.36 -14.19 -0.51
CA ASP A 360 -9.76 -14.55 -0.41
C ASP A 360 -10.03 -15.65 0.62
N SER A 361 -9.06 -16.04 1.43
CA SER A 361 -9.32 -17.03 2.47
C SER A 361 -10.45 -16.57 3.39
N ALA A 362 -11.26 -17.52 3.84
CA ALA A 362 -12.34 -17.20 4.75
C ALA A 362 -11.80 -16.85 6.13
N ILE A 363 -12.49 -15.95 6.81
CA ILE A 363 -12.16 -15.60 8.19
C ILE A 363 -13.45 -15.48 8.97
N SER A 364 -13.51 -16.16 10.12
CA SER A 364 -14.65 -16.14 11.02
C SER A 364 -14.21 -15.56 12.35
N PHE A 365 -15.03 -14.69 12.93
CA PHE A 365 -14.71 -14.05 14.18
C PHE A 365 -15.58 -14.61 15.31
N HIS A 366 -14.97 -14.82 16.46
CA HIS A 366 -15.62 -15.52 17.55
C HIS A 366 -15.95 -14.57 18.70
N SER A 367 -17.18 -14.63 19.17
CA SER A 367 -17.63 -13.88 20.32
C SER A 367 -17.34 -14.66 21.59
N GLY A 368 -17.44 -13.98 22.73
CA GLY A 368 -17.32 -14.61 24.02
C GLY A 368 -15.95 -14.53 24.67
N TYR A 369 -15.00 -13.84 24.04
CA TYR A 369 -13.67 -13.68 24.60
C TYR A 369 -13.26 -12.22 24.45
N SER A 370 -12.27 -11.82 25.23
CA SER A 370 -11.75 -10.48 25.04
C SER A 370 -10.87 -10.44 23.79
N GLY A 371 -10.60 -9.23 23.31
CA GLY A 371 -9.68 -9.11 22.19
C GLY A 371 -10.30 -9.57 20.89
N LEU A 372 -9.44 -10.07 20.00
CA LEU A 372 -9.87 -10.58 18.71
C LEU A 372 -9.53 -12.07 18.63
N VAL A 373 -10.53 -12.88 18.31
CA VAL A 373 -10.35 -14.31 18.12
C VAL A 373 -10.94 -14.67 16.77
N ALA A 374 -10.10 -15.25 15.89
CA ALA A 374 -10.50 -15.54 14.52
C ALA A 374 -10.05 -16.93 14.09
N THR A 375 -10.86 -17.54 13.23
CA THR A 375 -10.51 -18.77 12.52
C THR A 375 -10.33 -18.39 11.06
N VAL A 376 -9.14 -18.68 10.52
CA VAL A 376 -8.80 -18.37 9.13
C VAL A 376 -8.64 -19.67 8.37
N SER A 377 -9.34 -19.81 7.25
CA SER A 377 -9.32 -21.03 6.45
C SER A 377 -8.31 -20.88 5.33
N GLY A 378 -7.06 -21.21 5.61
CA GLY A 378 -6.07 -21.27 4.56
C GLY A 378 -6.27 -22.46 3.66
N SER A 379 -5.62 -22.42 2.49
CA SER A 379 -5.78 -23.50 1.54
C SER A 379 -5.15 -24.80 2.03
N GLN A 380 -4.16 -24.73 2.91
CA GLN A 380 -3.50 -25.92 3.45
C GLN A 380 -3.80 -26.17 4.92
N GLN A 381 -3.99 -25.12 5.72
CA GLN A 381 -4.24 -25.27 7.15
C GLN A 381 -5.29 -24.26 7.59
N THR A 382 -6.00 -24.61 8.66
CA THR A 382 -6.81 -23.66 9.39
C THR A 382 -5.97 -23.04 10.50
N LEU A 383 -6.08 -21.71 10.64
CA LEU A 383 -5.42 -20.99 11.72
C LEU A 383 -6.44 -20.52 12.73
N VAL A 384 -6.08 -20.57 14.01
CA VAL A 384 -6.81 -19.87 15.06
C VAL A 384 -5.89 -18.77 15.57
N VAL A 385 -6.40 -17.54 15.62
CA VAL A 385 -5.62 -16.36 15.96
C VAL A 385 -6.28 -15.68 17.15
N ALA A 386 -5.51 -15.42 18.19
CA ALA A 386 -6.04 -14.80 19.42
C ALA A 386 -5.15 -13.62 19.79
N LEU A 387 -5.68 -12.41 19.68
CA LEU A 387 -4.91 -11.19 19.96
C LEU A 387 -5.52 -10.47 21.16
N ASN A 388 -4.67 -10.17 22.14
CA ASN A 388 -5.11 -9.50 23.37
C ASN A 388 -6.35 -10.19 23.94
N SER A 389 -6.32 -11.51 23.99
CA SER A 389 -7.50 -12.31 24.29
C SER A 389 -7.31 -13.19 25.52
N ASP A 390 -8.42 -13.44 26.20
CA ASP A 390 -8.43 -14.40 27.29
C ASP A 390 -8.80 -15.81 26.83
N LEU A 391 -8.91 -16.03 25.52
CA LEU A 391 -8.99 -17.39 25.00
C LEU A 391 -7.88 -18.24 25.59
N ALA A 392 -8.23 -19.44 26.04
CA ALA A 392 -7.21 -20.33 26.60
C ALA A 392 -6.58 -21.24 25.56
N ASN A 393 -7.37 -21.80 24.65
CA ASN A 393 -6.84 -22.76 23.69
C ASN A 393 -7.75 -22.80 22.48
N PRO A 394 -7.26 -23.29 21.34
CA PRO A 394 -8.05 -23.22 20.11
C PRO A 394 -9.26 -24.13 20.11
N GLY A 395 -9.23 -25.21 20.89
CA GLY A 395 -10.37 -26.09 20.97
C GLY A 395 -11.61 -25.44 21.52
N GLN A 396 -11.47 -24.27 22.16
CA GLN A 396 -12.66 -23.55 22.61
C GLN A 396 -13.46 -22.98 21.44
N VAL A 397 -12.82 -22.73 20.29
CA VAL A 397 -13.49 -22.04 19.19
C VAL A 397 -13.43 -22.81 17.88
N ALA A 398 -12.67 -23.90 17.82
CA ALA A 398 -12.55 -24.62 16.56
C ALA A 398 -12.44 -26.12 16.78
N SER A 399 -13.05 -26.87 15.86
CA SER A 399 -12.89 -28.32 15.80
C SER A 399 -11.56 -28.67 15.16
N GLY A 400 -11.00 -29.81 15.56
CA GLY A 400 -9.80 -30.34 14.95
C GLY A 400 -8.61 -30.34 15.90
N SER A 401 -7.50 -30.86 15.39
CA SER A 401 -6.25 -30.91 16.15
C SER A 401 -5.38 -29.74 15.76
N PHE A 402 -4.84 -29.04 16.77
CA PHE A 402 -4.08 -27.83 16.57
C PHE A 402 -2.75 -27.91 17.30
N SER A 403 -1.75 -27.21 16.76
CA SER A 403 -0.49 -27.04 17.46
C SER A 403 -0.13 -25.56 17.45
N GLU A 404 0.67 -25.17 18.43
CA GLU A 404 1.07 -23.77 18.56
C GLU A 404 2.04 -23.38 17.44
N ALA A 405 1.76 -22.25 16.79
CA ALA A 405 2.64 -21.71 15.77
C ALA A 405 3.33 -20.42 16.19
N VAL A 406 2.63 -19.56 16.95
CA VAL A 406 3.14 -18.29 17.44
C VAL A 406 2.66 -18.10 18.87
N ASN A 407 3.57 -17.65 19.74
CA ASN A 407 3.20 -17.26 21.10
C ASN A 407 4.17 -16.17 21.52
N ALA A 408 3.69 -14.92 21.51
CA ALA A 408 4.54 -13.76 21.76
C ALA A 408 3.82 -12.78 22.67
N SER A 409 4.60 -11.84 23.22
CA SER A 409 4.06 -10.74 24.00
C SER A 409 3.19 -11.22 25.16
N ASN A 410 3.74 -12.15 25.95
CA ASN A 410 3.03 -12.70 27.12
C ASN A 410 1.68 -13.29 26.73
N GLY A 411 1.64 -13.96 25.58
CA GLY A 411 0.42 -14.54 25.09
C GLY A 411 -0.54 -13.58 24.42
N GLN A 412 -0.21 -12.29 24.35
CA GLN A 412 -1.10 -11.36 23.66
C GLN A 412 -1.16 -11.61 22.16
N VAL A 413 -0.20 -12.35 21.62
CA VAL A 413 -0.24 -12.80 20.23
C VAL A 413 -0.10 -14.30 20.26
N ARG A 414 -1.18 -15.02 19.94
CA ARG A 414 -1.10 -16.46 19.80
C ARG A 414 -1.75 -16.89 18.50
N VAL A 415 -1.10 -17.83 17.81
CA VAL A 415 -1.61 -18.44 16.58
C VAL A 415 -1.42 -19.94 16.70
N TRP A 416 -2.46 -20.70 16.40
CA TRP A 416 -2.37 -22.15 16.30
C TRP A 416 -2.74 -22.58 14.89
N ARG A 417 -2.19 -23.70 14.45
CA ARG A 417 -2.48 -24.19 13.11
C ARG A 417 -2.93 -25.65 13.17
N SER A 418 -3.81 -26.01 12.24
CA SER A 418 -4.36 -27.36 12.19
C SER A 418 -3.31 -28.36 11.69
C1 GOL B . 11.47 9.07 -19.58
O1 GOL B . 11.25 8.29 -18.43
C2 GOL B . 12.96 9.46 -19.60
O2 GOL B . 13.79 8.35 -19.55
C3 GOL B . 13.17 10.41 -18.40
O3 GOL B . 14.42 11.06 -18.57
C1 GOL C . 18.27 1.41 7.08
O1 GOL C . 17.40 0.32 7.24
C2 GOL C . 17.40 2.62 6.75
O2 GOL C . 16.21 2.59 7.44
C3 GOL C . 18.29 3.91 6.98
O3 GOL C . 17.52 4.89 7.64
CA CA D . -6.37 16.24 -9.09
CA CA E . 0.98 -13.48 -7.43
#